data_4J52
#
_entry.id   4J52
#
_cell.length_a   66.873
_cell.length_b   66.873
_cell.length_c   152.490
_cell.angle_alpha   90.000
_cell.angle_beta   90.000
_cell.angle_gamma   120.000
#
_symmetry.space_group_name_H-M   'P 32 2 1'
#
loop_
_entity.id
_entity.type
_entity.pdbx_description
1 polymer 'Serine/threonine-protein kinase PLK1'
2 non-polymer 4-{[(7R)-9-cyclopentyl-7-ethenyl-7-fluoro-5-methyl-6-oxo-6,7,8,9-tetrahydro-5H-pyrimido[4,5-b][1,4]diazepin-2-yl]amino}-3-methoxy-N-(4-methylpiperazin-1-yl)benzamide
3 non-polymer 'ZINC ION'
4 non-polymer 'ACETATE ION'
5 water water
#
_entity_poly.entity_id   1
_entity_poly.type   'polypeptide(L)'
_entity_poly.pdbx_seq_one_letter_code
;KEIPEVLVDPRSRRRYVRGRFLGKGGFAKCFEISDADTKEVFAGKIVPKSLLLKPHQREKMSMEISIHRSLAHQHVVGFH
GFFEDNDFVFVVLELCRRRSLLELHKRRKALTEPEARYYLRQIVLGCQYLHRNRVIHRDLKLGNLFLNEDLEVKIGDFGL
ATKVEYDGERKKVLCGTPNYIAPEVLSKKGHSFEVDVWSIGCIMYTLLVGKPPFETSCLKETYLRIKKNEYSIPKHINPV
AASLIQKMLQTDPTARPTINELLNDEFFTSGYIPARLPITCLTIPPRFSIAPS
;
_entity_poly.pdbx_strand_id   A
#
# COMPACT_ATOMS: atom_id res chain seq x y z
N LYS A 1 -5.55 18.05 24.73
CA LYS A 1 -5.39 16.58 24.89
C LYS A 1 -4.11 16.10 24.21
N GLU A 2 -3.01 16.17 24.95
CA GLU A 2 -1.68 16.07 24.37
C GLU A 2 -1.12 14.66 24.52
N ILE A 3 -0.29 14.26 23.56
CA ILE A 3 0.24 12.90 23.48
C ILE A 3 1.42 12.72 24.44
N PRO A 4 1.45 11.63 25.24
CA PRO A 4 2.55 11.33 26.18
C PRO A 4 3.96 11.29 25.57
N GLU A 5 4.96 11.78 26.33
CA GLU A 5 6.38 11.70 25.95
C GLU A 5 6.84 10.23 25.89
N VAL A 6 6.34 9.43 26.83
CA VAL A 6 6.61 7.99 26.87
C VAL A 6 5.29 7.22 26.75
N LEU A 7 5.29 6.22 25.88
CA LEU A 7 4.12 5.39 25.65
C LEU A 7 4.27 4.06 26.39
N VAL A 8 3.49 3.87 27.45
CA VAL A 8 3.61 2.67 28.28
C VAL A 8 2.52 1.62 27.98
N ASP A 9 2.94 0.41 27.63
CA ASP A 9 2.04 -0.72 27.46
C ASP A 9 2.03 -1.52 28.77
N PRO A 10 0.94 -1.46 29.54
CA PRO A 10 0.89 -2.13 30.84
C PRO A 10 0.87 -3.65 30.77
N ARG A 11 0.33 -4.21 29.69
CA ARG A 11 0.22 -5.65 29.55
C ARG A 11 1.59 -6.28 29.32
N SER A 12 2.30 -5.77 28.32
CA SER A 12 3.61 -6.29 27.96
C SER A 12 4.76 -5.63 28.74
N ARG A 13 4.44 -4.64 29.57
CA ARG A 13 5.45 -3.93 30.36
C ARG A 13 6.47 -3.18 29.50
N ARG A 14 6.08 -2.78 28.28
CA ARG A 14 6.98 -2.11 27.35
C ARG A 14 6.78 -0.60 27.35
N ARG A 15 7.88 0.14 27.26
CA ARG A 15 7.86 1.60 27.24
C ARG A 15 8.54 2.12 25.98
N TYR A 16 7.90 3.08 25.31
CA TYR A 16 8.40 3.62 24.07
C TYR A 16 8.58 5.11 24.21
N VAL A 17 9.80 5.58 24.05
CA VAL A 17 10.08 7.00 24.05
C VAL A 17 9.58 7.56 22.73
N ARG A 18 8.63 8.50 22.78
CA ARG A 18 8.11 9.12 21.57
C ARG A 18 9.19 9.98 20.90
N GLY A 19 9.66 9.53 19.74
CA GLY A 19 10.66 10.25 18.96
C GLY A 19 10.02 11.26 18.02
N ARG A 20 10.68 11.52 16.89
CA ARG A 20 10.33 12.65 16.03
C ARG A 20 9.08 12.43 15.17
N PHE A 21 8.29 13.49 15.06
CA PHE A 21 7.07 13.51 14.26
C PHE A 21 7.36 13.17 12.82
N LEU A 22 6.66 12.17 12.31
CA LEU A 22 6.82 11.71 10.92
C LEU A 22 5.76 12.30 9.99
N GLY A 23 4.64 12.71 10.57
CA GLY A 23 3.49 13.16 9.78
C GLY A 23 2.16 12.59 10.24
N LYS A 24 1.09 13.11 9.65
CA LYS A 24 -0.26 12.89 10.13
C LYS A 24 -1.07 12.07 9.12
N GLY A 25 -0.87 10.75 9.10
CA GLY A 25 -1.68 9.85 8.27
C GLY A 25 -3.12 9.66 8.78
N GLY A 26 -4.08 10.32 8.15
CA GLY A 26 -5.49 10.24 8.55
C GLY A 26 -5.79 10.94 9.87
N PHE A 27 -6.54 10.27 10.74
CA PHE A 27 -6.79 10.76 12.10
C PHE A 27 -5.52 10.66 12.95
N ALA A 28 -4.67 9.69 12.60
CA ALA A 28 -3.51 9.36 13.41
C ALA A 28 -2.38 10.36 13.22
N LYS A 29 -1.58 10.51 14.26
CA LYS A 29 -0.32 11.22 14.18
C LYS A 29 0.77 10.19 14.37
N CYS A 30 1.76 10.22 13.48
CA CYS A 30 2.77 9.18 13.42
C CYS A 30 4.12 9.74 13.89
N PHE A 31 4.80 8.96 14.73
CA PHE A 31 6.10 9.29 15.31
C PHE A 31 7.04 8.09 15.26
N GLU A 32 8.33 8.33 15.06
CA GLU A 32 9.35 7.34 15.38
C GLU A 32 9.28 7.12 16.87
N ILE A 33 9.22 5.87 17.31
CA ILE A 33 9.24 5.59 18.73
C ILE A 33 10.30 4.55 19.01
N SER A 34 10.94 4.66 20.16
CA SER A 34 12.01 3.74 20.50
C SER A 34 11.67 3.06 21.81
N ASP A 35 11.78 1.73 21.81
CA ASP A 35 11.64 0.94 23.02
C ASP A 35 12.74 1.34 24.04
N ALA A 36 12.36 1.46 25.30
CA ALA A 36 13.28 1.88 26.35
C ALA A 36 14.31 0.80 26.70
N ASP A 37 13.92 -0.47 26.56
CA ASP A 37 14.83 -1.60 26.81
C ASP A 37 15.69 -1.92 25.61
N THR A 38 15.08 -2.42 24.55
CA THR A 38 15.83 -2.88 23.37
C THR A 38 16.45 -1.72 22.60
N LYS A 39 15.93 -0.51 22.80
CA LYS A 39 16.31 0.65 22.00
C LYS A 39 15.89 0.48 20.55
N GLU A 40 15.13 -0.58 20.25
CA GLU A 40 14.72 -0.87 18.88
C GLU A 40 13.73 0.19 18.44
N VAL A 41 13.97 0.78 17.28
CA VAL A 41 13.15 1.90 16.78
C VAL A 41 11.98 1.36 15.96
N PHE A 42 10.84 2.01 16.11
CA PHE A 42 9.57 1.56 15.53
C PHE A 42 8.83 2.76 14.96
N ALA A 43 7.76 2.49 14.23
CA ALA A 43 6.84 3.53 13.80
C ALA A 43 5.57 3.45 14.63
N GLY A 44 5.33 4.49 15.41
CA GLY A 44 4.13 4.59 16.26
C GLY A 44 2.98 5.33 15.59
N LYS A 45 1.84 4.65 15.49
CA LYS A 45 0.62 5.27 14.98
C LYS A 45 -0.29 5.58 16.15
N ILE A 46 -0.47 6.86 16.45
CA ILE A 46 -1.21 7.30 17.62
C ILE A 46 -2.49 7.98 17.19
N VAL A 47 -3.64 7.43 17.60
CA VAL A 47 -4.92 8.04 17.23
C VAL A 47 -5.72 8.41 18.48
N PRO A 48 -6.21 9.67 18.53
CA PRO A 48 -6.90 10.09 19.72
C PRO A 48 -8.33 9.55 19.72
N LYS A 49 -8.73 9.03 20.88
CA LYS A 49 -10.07 8.49 21.07
C LYS A 49 -11.18 9.52 20.83
N SER A 50 -10.86 10.80 21.01
CA SER A 50 -11.80 11.89 20.68
C SER A 50 -12.25 11.89 19.22
N LEU A 51 -11.52 11.20 18.36
CA LEU A 51 -11.92 11.04 16.96
C LEU A 51 -12.57 9.69 16.71
N LEU A 52 -12.71 8.90 17.78
CA LEU A 52 -13.28 7.56 17.73
C LEU A 52 -14.49 7.50 18.67
N LEU A 53 -15.26 8.58 18.72
CA LEU A 53 -16.44 8.63 19.58
C LEU A 53 -17.51 7.69 19.10
N LYS A 54 -17.60 7.50 17.78
CA LYS A 54 -18.65 6.68 17.18
C LYS A 54 -18.20 5.23 17.04
N PRO A 55 -19.03 4.28 17.48
CA PRO A 55 -18.74 2.86 17.30
C PRO A 55 -18.29 2.49 15.89
N HIS A 56 -18.89 3.12 14.88
CA HIS A 56 -18.53 2.83 13.50
C HIS A 56 -17.05 3.12 13.27
N GLN A 57 -16.58 4.29 13.72
CA GLN A 57 -15.19 4.67 13.60
C GLN A 57 -14.30 3.82 14.51
N ARG A 58 -14.74 3.52 15.72
CA ARG A 58 -14.00 2.60 16.60
C ARG A 58 -13.82 1.23 15.97
N GLU A 59 -14.86 0.74 15.32
CA GLU A 59 -14.84 -0.58 14.74
C GLU A 59 -13.84 -0.71 13.59
N LYS A 60 -13.62 0.38 12.84
CA LYS A 60 -12.70 0.39 11.72
C LYS A 60 -11.27 0.32 12.21
N MET A 61 -10.97 1.07 13.27
CA MET A 61 -9.71 0.91 13.97
C MET A 61 -9.50 -0.54 14.43
N SER A 62 -10.53 -1.15 15.01
CA SER A 62 -10.39 -2.48 15.63
C SER A 62 -10.09 -3.52 14.58
N MET A 63 -10.81 -3.42 13.46
CA MET A 63 -10.63 -4.30 12.34
C MET A 63 -9.23 -4.14 11.71
N GLU A 64 -8.80 -2.90 11.50
CA GLU A 64 -7.43 -2.67 11.04
C GLU A 64 -6.42 -3.43 11.90
N ILE A 65 -6.54 -3.30 13.21
CA ILE A 65 -5.63 -3.98 14.12
C ILE A 65 -5.83 -5.49 14.00
N SER A 66 -7.07 -5.94 14.04
CA SER A 66 -7.39 -7.35 13.91
C SER A 66 -6.76 -7.98 12.66
N ILE A 67 -6.84 -7.29 11.54
CA ILE A 67 -6.30 -7.80 10.30
C ILE A 67 -4.79 -7.70 10.29
N HIS A 68 -4.27 -6.54 10.65
CA HIS A 68 -2.84 -6.31 10.50
C HIS A 68 -1.99 -7.08 11.53
N ARG A 69 -2.58 -7.39 12.68
CA ARG A 69 -1.83 -8.12 13.72
C ARG A 69 -1.59 -9.56 13.33
N SER A 70 -2.38 -10.06 12.41
CA SER A 70 -2.38 -11.46 12.01
C SER A 70 -1.50 -11.71 10.80
N LEU A 71 -0.82 -10.66 10.31
CA LEU A 71 -0.03 -10.76 9.09
C LEU A 71 1.45 -10.77 9.40
N ALA A 72 2.18 -11.69 8.78
CA ALA A 72 3.63 -11.68 8.81
C ALA A 72 4.18 -12.07 7.44
N HIS A 73 4.76 -11.10 6.75
CA HIS A 73 5.37 -11.31 5.44
C HIS A 73 6.45 -10.25 5.15
N GLN A 74 7.39 -10.60 4.28
CA GLN A 74 8.50 -9.72 3.93
C GLN A 74 8.06 -8.42 3.25
N HIS A 75 6.93 -8.46 2.55
CA HIS A 75 6.46 -7.27 1.85
C HIS A 75 5.19 -6.72 2.43
N VAL A 76 4.97 -7.01 3.71
CA VAL A 76 3.86 -6.46 4.48
C VAL A 76 4.48 -5.76 5.70
N VAL A 77 3.99 -4.57 6.00
CA VAL A 77 4.51 -3.80 7.13
C VAL A 77 4.40 -4.61 8.42
N GLY A 78 5.51 -4.75 9.13
CA GLY A 78 5.51 -5.43 10.40
C GLY A 78 4.60 -4.79 11.43
N PHE A 79 3.76 -5.62 12.05
CA PHE A 79 2.88 -5.22 13.13
C PHE A 79 3.51 -5.76 14.41
N HIS A 80 3.89 -4.86 15.29
CA HIS A 80 4.64 -5.24 16.46
C HIS A 80 3.83 -5.07 17.76
N GLY A 81 2.63 -4.51 17.69
CA GLY A 81 1.74 -4.47 18.84
C GLY A 81 0.86 -3.24 18.89
N PHE A 82 -0.06 -3.24 19.84
CA PHE A 82 -0.97 -2.12 20.04
C PHE A 82 -1.36 -2.03 21.49
N PHE A 83 -1.82 -0.86 21.90
CA PHE A 83 -2.30 -0.68 23.26
C PHE A 83 -2.96 0.68 23.31
N GLU A 84 -3.52 1.03 24.45
CA GLU A 84 -4.28 2.26 24.54
C GLU A 84 -4.26 2.78 25.97
N ASP A 85 -4.50 4.07 26.14
CA ASP A 85 -4.86 4.62 27.44
C ASP A 85 -6.24 5.30 27.27
N ASN A 86 -6.66 6.10 28.24
CA ASN A 86 -8.01 6.67 28.17
C ASN A 86 -8.18 7.66 27.01
N ASP A 87 -7.07 8.17 26.49
CA ASP A 87 -7.08 9.26 25.51
C ASP A 87 -6.63 8.84 24.10
N PHE A 88 -5.83 7.78 24.00
CA PHE A 88 -5.23 7.42 22.72
C PHE A 88 -5.20 5.94 22.45
N VAL A 89 -5.17 5.62 21.16
CA VAL A 89 -4.81 4.28 20.70
C VAL A 89 -3.43 4.37 20.07
N PHE A 90 -2.56 3.43 20.46
CA PHE A 90 -1.18 3.40 20.01
C PHE A 90 -0.92 2.11 19.29
N VAL A 91 -0.46 2.21 18.05
CA VAL A 91 -0.09 1.01 17.29
C VAL A 91 1.39 1.06 16.91
N VAL A 92 2.08 -0.04 17.20
CA VAL A 92 3.53 -0.11 16.97
C VAL A 92 3.77 -0.87 15.69
N LEU A 93 4.35 -0.18 14.72
CA LEU A 93 4.51 -0.72 13.39
C LEU A 93 5.96 -0.64 12.96
N GLU A 94 6.26 -1.34 11.88
CA GLU A 94 7.60 -1.40 11.35
C GLU A 94 7.96 -0.03 10.81
N LEU A 95 9.07 0.54 11.29
CA LEU A 95 9.57 1.78 10.72
C LEU A 95 10.12 1.53 9.32
N CYS A 96 9.66 2.30 8.36
CA CYS A 96 10.10 2.15 6.98
C CYS A 96 10.84 3.42 6.61
N ARG A 97 12.16 3.36 6.69
CA ARG A 97 12.96 4.57 6.79
C ARG A 97 13.07 5.37 5.49
N ARG A 98 12.75 4.74 4.36
CA ARG A 98 12.72 5.45 3.07
C ARG A 98 11.29 5.73 2.62
N ARG A 99 10.39 5.85 3.58
CA ARG A 99 9.07 6.39 3.31
C ARG A 99 8.29 5.48 2.35
N SER A 100 7.60 6.04 1.36
CA SER A 100 6.81 5.24 0.46
C SER A 100 7.14 5.46 -1.01
N LEU A 101 6.60 4.58 -1.84
CA LEU A 101 6.66 4.78 -3.29
C LEU A 101 6.02 6.09 -3.75
N LEU A 102 5.25 6.75 -2.91
CA LEU A 102 4.70 8.05 -3.27
C LEU A 102 5.78 9.10 -3.33
N GLU A 103 6.67 9.09 -2.34
CA GLU A 103 7.76 10.08 -2.24
C GLU A 103 8.78 9.88 -3.35
N LEU A 104 8.97 8.61 -3.71
CA LEU A 104 9.83 8.23 -4.82
C LEU A 104 9.27 8.79 -6.12
N HIS A 105 7.98 8.54 -6.34
CA HIS A 105 7.31 9.01 -7.55
C HIS A 105 7.35 10.52 -7.66
N LYS A 106 7.13 11.24 -6.56
CA LYS A 106 7.26 12.72 -6.58
C LYS A 106 8.63 13.19 -7.03
N ARG A 107 9.66 12.45 -6.64
CA ARG A 107 11.03 12.81 -7.00
C ARG A 107 11.35 12.36 -8.42
N ARG A 108 11.05 11.11 -8.74
CA ARG A 108 11.50 10.49 -9.99
C ARG A 108 10.48 10.51 -11.13
N LYS A 109 9.22 10.79 -10.83
CA LYS A 109 8.13 10.57 -11.79
C LYS A 109 8.21 9.14 -12.34
N ALA A 110 8.26 8.97 -13.66
CA ALA A 110 8.25 7.62 -14.25
C ALA A 110 9.56 6.89 -13.97
N LEU A 111 9.47 5.66 -13.55
CA LEU A 111 10.66 4.86 -13.28
C LEU A 111 11.14 4.15 -14.54
N THR A 112 12.36 3.62 -14.49
CA THR A 112 12.83 2.71 -15.51
C THR A 112 12.05 1.37 -15.42
N GLU A 113 11.98 0.64 -16.52
CA GLU A 113 11.19 -0.59 -16.56
C GLU A 113 11.66 -1.65 -15.55
N PRO A 114 12.99 -1.79 -15.37
CA PRO A 114 13.50 -2.71 -14.36
C PRO A 114 13.11 -2.34 -12.92
N GLU A 115 13.21 -1.05 -12.59
CA GLU A 115 12.71 -0.51 -11.32
C GLU A 115 11.24 -0.82 -11.11
N ALA A 116 10.44 -0.72 -12.15
CA ALA A 116 9.03 -1.04 -12.05
C ALA A 116 8.84 -2.52 -11.78
N ARG A 117 9.55 -3.35 -12.54
CA ARG A 117 9.54 -4.77 -12.33
C ARG A 117 9.95 -5.08 -10.91
N TYR A 118 11.00 -4.42 -10.44
CA TYR A 118 11.52 -4.71 -9.12
C TYR A 118 10.43 -4.45 -8.07
N TYR A 119 9.87 -3.26 -8.09
CA TYR A 119 8.83 -2.91 -7.15
C TYR A 119 7.53 -3.68 -7.36
N LEU A 120 7.05 -3.78 -8.59
CA LEU A 120 5.77 -4.44 -8.84
C LEU A 120 5.81 -5.91 -8.38
N ARG A 121 6.97 -6.53 -8.52
CA ARG A 121 7.10 -7.92 -8.13
C ARG A 121 6.88 -8.06 -6.62
N GLN A 122 7.39 -7.10 -5.86
CA GLN A 122 7.25 -7.12 -4.41
C GLN A 122 5.83 -6.72 -4.00
N ILE A 123 5.25 -5.78 -4.70
CA ILE A 123 3.86 -5.43 -4.48
C ILE A 123 3.01 -6.68 -4.69
N VAL A 124 3.29 -7.43 -5.75
CA VAL A 124 2.52 -8.64 -6.06
C VAL A 124 2.78 -9.75 -5.04
N LEU A 125 4.01 -9.86 -4.57
CA LEU A 125 4.33 -10.93 -3.61
C LEU A 125 3.60 -10.74 -2.27
N GLY A 126 3.61 -9.52 -1.76
CA GLY A 126 2.87 -9.19 -0.55
C GLY A 126 1.37 -9.32 -0.77
N CYS A 127 0.89 -8.84 -1.90
CA CYS A 127 -0.52 -8.94 -2.20
C CYS A 127 -0.97 -10.39 -2.44
N GLN A 128 -0.08 -11.25 -2.96
CA GLN A 128 -0.38 -12.68 -3.06
C GLN A 128 -0.60 -13.27 -1.69
N TYR A 129 0.22 -12.81 -0.75
CA TYR A 129 0.15 -13.27 0.61
C TYR A 129 -1.18 -12.89 1.26
N LEU A 130 -1.60 -11.64 1.07
CA LEU A 130 -2.86 -11.14 1.63
C LEU A 130 -4.01 -11.96 1.10
N HIS A 131 -4.02 -12.13 -0.21
CA HIS A 131 -5.06 -12.92 -0.84
C HIS A 131 -5.05 -14.37 -0.35
N ARG A 132 -3.87 -15.00 -0.28
CA ARG A 132 -3.78 -16.37 0.30
C ARG A 132 -4.49 -16.42 1.67
N ASN A 133 -4.26 -15.41 2.50
CA ASN A 133 -4.89 -15.31 3.82
C ASN A 133 -6.26 -14.63 3.78
N ARG A 134 -6.91 -14.62 2.61
CA ARG A 134 -8.27 -14.09 2.45
C ARG A 134 -8.42 -12.57 2.74
N VAL A 135 -7.32 -11.82 2.75
CA VAL A 135 -7.39 -10.39 3.01
C VAL A 135 -7.38 -9.58 1.73
N ILE A 136 -8.36 -8.69 1.56
CA ILE A 136 -8.32 -7.71 0.48
C ILE A 136 -7.87 -6.42 1.15
N HIS A 137 -6.95 -5.70 0.50
CA HIS A 137 -6.39 -4.47 1.06
C HIS A 137 -7.30 -3.29 0.77
N ARG A 138 -7.66 -3.13 -0.52
CA ARG A 138 -8.72 -2.21 -0.97
C ARG A 138 -8.31 -0.74 -1.06
N ASP A 139 -7.14 -0.39 -0.55
CA ASP A 139 -6.53 0.90 -0.87
C ASP A 139 -5.04 0.77 -1.20
N LEU A 140 -4.71 -0.07 -2.18
CA LEU A 140 -3.32 -0.13 -2.60
C LEU A 140 -3.01 1.12 -3.40
N LYS A 141 -2.09 1.93 -2.91
CA LYS A 141 -1.64 3.13 -3.62
C LYS A 141 -0.18 3.39 -3.25
N LEU A 142 0.44 4.37 -3.91
CA LEU A 142 1.85 4.63 -3.70
C LEU A 142 2.18 5.01 -2.26
N GLY A 143 1.25 5.68 -1.59
CA GLY A 143 1.44 6.10 -0.21
C GLY A 143 1.39 4.95 0.77
N ASN A 144 0.80 3.84 0.35
CA ASN A 144 0.67 2.67 1.21
C ASN A 144 1.70 1.59 0.94
N LEU A 145 2.59 1.86 0.00
CA LEU A 145 3.65 0.91 -0.32
C LEU A 145 4.93 1.54 0.18
N PHE A 146 5.29 1.13 1.39
CA PHE A 146 6.41 1.73 2.11
C PHE A 146 7.72 1.08 1.71
N LEU A 147 8.81 1.79 1.94
CA LEU A 147 10.13 1.28 1.61
C LEU A 147 10.99 1.24 2.87
N ASN A 148 11.58 0.08 3.15
CA ASN A 148 12.60 -0.03 4.21
C ASN A 148 13.95 0.48 3.70
N GLU A 149 14.98 0.36 4.54
CA GLU A 149 16.33 0.86 4.24
C GLU A 149 16.92 0.28 2.98
N ASP A 150 16.56 -0.96 2.65
CA ASP A 150 17.01 -1.62 1.43
C ASP A 150 16.07 -1.43 0.22
N LEU A 151 15.14 -0.48 0.29
CA LEU A 151 14.19 -0.25 -0.80
C LEU A 151 13.33 -1.48 -1.11
N GLU A 152 12.99 -2.21 -0.06
CA GLU A 152 12.02 -3.28 -0.15
C GLU A 152 10.65 -2.68 0.15
N VAL A 153 9.65 -3.17 -0.57
CA VAL A 153 8.31 -2.66 -0.46
C VAL A 153 7.65 -3.37 0.70
N LYS A 154 6.97 -2.58 1.51
CA LYS A 154 6.17 -3.09 2.60
C LYS A 154 4.78 -2.50 2.51
N ILE A 155 3.80 -3.35 2.24
CA ILE A 155 2.41 -2.98 2.11
C ILE A 155 1.89 -2.58 3.47
N GLY A 156 1.35 -1.37 3.54
CA GLY A 156 0.84 -0.82 4.79
C GLY A 156 -0.54 -0.22 4.65
N ASP A 157 -0.99 0.31 5.78
CA ASP A 157 -2.33 0.88 5.94
C ASP A 157 -3.46 -0.07 5.63
N PHE A 158 -3.87 -0.80 6.65
CA PHE A 158 -4.95 -1.76 6.50
C PHE A 158 -6.30 -1.25 7.00
N GLY A 159 -6.44 0.08 7.04
CA GLY A 159 -7.69 0.73 7.42
C GLY A 159 -8.87 0.54 6.48
N LEU A 160 -8.67 -0.04 5.31
CA LEU A 160 -9.79 -0.37 4.41
C LEU A 160 -9.84 -1.85 4.12
N ALA A 161 -8.91 -2.59 4.71
CA ALA A 161 -8.77 -3.98 4.43
C ALA A 161 -9.97 -4.73 4.95
N THR A 162 -10.39 -5.72 4.20
CA THR A 162 -11.47 -6.55 4.67
C THR A 162 -11.12 -8.02 4.50
N LYS A 163 -11.65 -8.82 5.40
CA LYS A 163 -11.44 -10.24 5.41
C LYS A 163 -12.59 -10.91 4.68
N VAL A 164 -12.29 -11.76 3.70
CA VAL A 164 -13.31 -12.59 3.06
C VAL A 164 -13.59 -13.80 3.95
N GLU A 165 -14.85 -13.91 4.41
CA GLU A 165 -15.25 -14.94 5.36
C GLU A 165 -15.75 -16.23 4.67
N TYR A 166 -16.21 -16.12 3.43
CA TYR A 166 -16.74 -17.30 2.72
C TYR A 166 -16.51 -17.24 1.21
N ASP A 167 -16.29 -18.41 0.64
CA ASP A 167 -15.97 -18.56 -0.77
C ASP A 167 -17.00 -17.80 -1.63
N GLY A 168 -16.50 -16.94 -2.52
CA GLY A 168 -17.35 -16.24 -3.50
C GLY A 168 -18.07 -15.01 -2.97
N GLU A 169 -17.68 -14.56 -1.77
CA GLU A 169 -18.30 -13.40 -1.14
C GLU A 169 -17.99 -12.10 -1.90
N ARG A 170 -19.03 -11.30 -2.12
CA ARG A 170 -18.90 -9.99 -2.75
C ARG A 170 -19.15 -8.91 -1.71
N LYS A 171 -18.13 -8.15 -1.39
CA LYS A 171 -18.28 -7.07 -0.42
C LYS A 171 -19.20 -6.03 -1.03
N LYS A 172 -20.27 -5.69 -0.32
CA LYS A 172 -21.26 -4.74 -0.81
C LYS A 172 -20.78 -3.32 -0.56
N VAL A 173 -19.94 -3.13 0.45
CA VAL A 173 -19.65 -1.79 0.92
C VAL A 173 -18.17 -1.60 1.16
N LEU A 174 -17.71 -0.41 0.80
CA LEU A 174 -16.37 0.03 1.11
C LEU A 174 -16.49 1.41 1.75
N CYS A 175 -16.28 1.49 3.07
CA CYS A 175 -16.37 2.77 3.76
C CYS A 175 -14.99 3.41 3.80
N GLY A 176 -14.78 4.32 2.85
CA GLY A 176 -13.49 4.95 2.62
C GLY A 176 -13.38 5.40 1.17
N THR A 177 -12.31 6.14 0.87
CA THR A 177 -12.07 6.68 -0.47
C THR A 177 -10.71 6.21 -0.99
N PRO A 178 -10.68 5.01 -1.59
CA PRO A 178 -9.40 4.54 -2.09
C PRO A 178 -8.94 5.37 -3.28
N ASN A 179 -7.63 5.46 -3.45
CA ASN A 179 -7.02 6.25 -4.50
C ASN A 179 -7.29 5.64 -5.87
N TYR A 180 -7.00 4.35 -6.01
CA TYR A 180 -7.24 3.64 -7.27
C TYR A 180 -8.44 2.73 -7.06
N ILE A 181 -9.61 3.35 -7.11
CA ILE A 181 -10.85 2.64 -6.81
C ILE A 181 -11.37 1.95 -8.08
N ALA A 182 -11.57 0.64 -7.96
CA ALA A 182 -12.01 -0.19 -9.09
C ALA A 182 -13.44 0.17 -9.50
N PRO A 183 -13.77 -0.03 -10.78
CA PRO A 183 -15.12 0.35 -11.27
C PRO A 183 -16.27 -0.40 -10.60
N GLU A 184 -16.03 -1.65 -10.16
CA GLU A 184 -17.07 -2.42 -9.46
C GLU A 184 -17.42 -1.82 -8.09
N VAL A 185 -16.49 -1.06 -7.53
CA VAL A 185 -16.74 -0.34 -6.27
C VAL A 185 -17.52 0.95 -6.55
N LEU A 186 -17.07 1.72 -7.55
CA LEU A 186 -17.76 2.96 -7.95
C LEU A 186 -19.17 2.68 -8.45
N SER A 187 -19.38 1.54 -9.10
CA SER A 187 -20.72 1.15 -9.56
C SER A 187 -21.56 0.67 -8.37
N LYS A 188 -20.89 0.29 -7.29
CA LYS A 188 -21.53 -0.16 -6.06
C LYS A 188 -22.36 -1.41 -6.32
N LYS A 189 -21.77 -2.41 -6.97
CA LYS A 189 -22.46 -3.68 -7.17
C LYS A 189 -21.58 -4.88 -6.86
N GLY A 190 -20.81 -4.76 -5.78
CA GLY A 190 -20.08 -5.89 -5.20
C GLY A 190 -18.64 -5.90 -5.67
N HIS A 191 -17.77 -6.48 -4.85
CA HIS A 191 -16.36 -6.58 -5.19
C HIS A 191 -15.61 -7.56 -4.30
N SER A 192 -14.52 -8.12 -4.82
CA SER A 192 -13.64 -8.96 -4.03
C SER A 192 -12.18 -8.67 -4.35
N PHE A 193 -11.35 -9.71 -4.40
CA PHE A 193 -9.91 -9.59 -4.55
C PHE A 193 -9.48 -8.83 -5.80
N GLU A 194 -10.27 -8.93 -6.85
CA GLU A 194 -9.92 -8.32 -8.16
C GLU A 194 -9.80 -6.81 -8.05
N VAL A 195 -10.28 -6.24 -6.95
CA VAL A 195 -10.08 -4.82 -6.64
C VAL A 195 -8.61 -4.47 -6.45
N ASP A 196 -7.88 -5.37 -5.79
CA ASP A 196 -6.47 -5.16 -5.57
C ASP A 196 -5.67 -5.30 -6.87
N VAL A 197 -6.11 -6.18 -7.77
CA VAL A 197 -5.43 -6.34 -9.07
C VAL A 197 -5.65 -5.08 -9.93
N TRP A 198 -6.81 -4.46 -9.78
CA TRP A 198 -7.07 -3.17 -10.41
C TRP A 198 -6.06 -2.15 -9.94
N SER A 199 -5.94 -1.98 -8.63
CA SER A 199 -5.05 -0.97 -8.08
C SER A 199 -3.62 -1.21 -8.49
N ILE A 200 -3.21 -2.47 -8.47
CA ILE A 200 -1.86 -2.80 -8.93
C ILE A 200 -1.68 -2.36 -10.38
N GLY A 201 -2.72 -2.56 -11.19
CA GLY A 201 -2.74 -2.07 -12.57
C GLY A 201 -2.46 -0.59 -12.68
N CYS A 202 -3.13 0.18 -11.84
CA CYS A 202 -2.96 1.63 -11.76
C CYS A 202 -1.60 2.05 -11.23
N ILE A 203 -1.06 1.25 -10.32
CA ILE A 203 0.24 1.55 -9.73
C ILE A 203 1.33 1.33 -10.78
N MET A 204 1.16 0.28 -11.56
CA MET A 204 2.11 -0.07 -12.59
C MET A 204 2.14 1.02 -13.65
N TYR A 205 0.95 1.47 -14.06
CA TYR A 205 0.80 2.58 -14.99
C TYR A 205 1.52 3.79 -14.45
N THR A 206 1.33 4.06 -13.17
CA THR A 206 1.83 5.28 -12.59
C THR A 206 3.33 5.21 -12.47
N LEU A 207 3.83 4.03 -12.10
CA LEU A 207 5.27 3.86 -11.96
C LEU A 207 5.96 4.02 -13.31
N LEU A 208 5.32 3.54 -14.37
CA LEU A 208 5.92 3.55 -15.69
C LEU A 208 5.63 4.82 -16.46
N VAL A 209 4.43 5.37 -16.32
CA VAL A 209 4.04 6.57 -17.07
C VAL A 209 4.44 7.85 -16.34
N GLY A 210 4.51 7.82 -15.00
CA GLY A 210 4.89 9.00 -14.23
C GLY A 210 3.70 9.84 -13.80
N LYS A 211 2.49 9.34 -14.09
CA LYS A 211 1.26 9.96 -13.59
C LYS A 211 0.12 8.94 -13.66
N PRO A 212 -0.94 9.17 -12.85
CA PRO A 212 -1.98 8.14 -12.75
C PRO A 212 -2.87 8.01 -13.98
N PRO A 213 -3.49 6.83 -14.14
CA PRO A 213 -4.27 6.50 -15.33
C PRO A 213 -5.55 7.32 -15.60
N PHE A 214 -6.21 7.84 -14.58
CA PHE A 214 -7.52 8.49 -14.77
C PHE A 214 -7.59 9.91 -14.22
N GLU A 215 -6.43 10.55 -14.10
CA GLU A 215 -6.30 11.81 -13.39
C GLU A 215 -6.96 12.98 -14.13
N THR A 216 -7.66 13.82 -13.36
CA THR A 216 -8.30 15.05 -13.86
C THR A 216 -8.28 16.10 -12.75
N SER A 217 -8.82 17.29 -13.04
CA SER A 217 -8.99 18.32 -12.02
C SER A 217 -10.05 17.89 -11.01
N CYS A 218 -11.17 17.40 -11.55
CA CYS A 218 -12.31 16.99 -10.73
C CYS A 218 -12.23 15.52 -10.35
N LEU A 219 -12.53 15.22 -9.10
CA LEU A 219 -12.46 13.84 -8.61
C LEU A 219 -13.60 13.00 -9.17
N LYS A 220 -14.75 13.63 -9.42
CA LYS A 220 -15.91 12.95 -9.99
C LYS A 220 -15.76 12.70 -11.49
N GLU A 221 -15.06 13.61 -12.18
CA GLU A 221 -14.73 13.44 -13.59
C GLU A 221 -13.78 12.25 -13.78
N THR A 222 -12.89 12.08 -12.81
CA THR A 222 -12.01 10.92 -12.74
C THR A 222 -12.84 9.64 -12.54
N TYR A 223 -13.80 9.67 -11.63
CA TYR A 223 -14.67 8.52 -11.40
C TYR A 223 -15.46 8.19 -12.65
N LEU A 224 -15.90 9.22 -13.36
CA LEU A 224 -16.59 9.05 -14.65
C LEU A 224 -15.71 8.19 -15.57
N ARG A 225 -14.45 8.57 -15.70
CA ARG A 225 -13.53 7.89 -16.61
C ARG A 225 -13.23 6.44 -16.21
N ILE A 226 -13.10 6.16 -14.92
CA ILE A 226 -12.86 4.79 -14.47
C ILE A 226 -14.02 3.86 -14.85
N LYS A 227 -15.24 4.32 -14.61
CA LYS A 227 -16.43 3.61 -15.05
C LYS A 227 -16.41 3.35 -16.56
N LYS A 228 -16.17 4.42 -17.33
CA LYS A 228 -16.14 4.36 -18.80
C LYS A 228 -14.89 3.70 -19.36
N ASN A 229 -13.93 3.38 -18.49
CA ASN A 229 -12.64 2.81 -18.88
C ASN A 229 -11.81 3.80 -19.73
N GLU A 230 -12.02 5.09 -19.51
CA GLU A 230 -11.43 6.13 -20.33
C GLU A 230 -9.99 6.39 -19.89
N TYR A 231 -9.06 5.75 -20.59
CA TYR A 231 -7.64 5.95 -20.35
C TYR A 231 -6.91 5.45 -21.59
N SER A 232 -5.67 5.90 -21.75
CA SER A 232 -4.86 5.47 -22.88
C SER A 232 -3.42 5.45 -22.45
N ILE A 233 -2.69 4.47 -22.97
CA ILE A 233 -1.30 4.26 -22.62
C ILE A 233 -0.43 4.89 -23.71
N PRO A 234 0.51 5.76 -23.31
CA PRO A 234 1.43 6.37 -24.27
C PRO A 234 2.17 5.35 -25.13
N LYS A 235 2.54 5.79 -26.33
CA LYS A 235 3.24 4.95 -27.30
C LYS A 235 4.65 4.54 -26.84
N HIS A 236 5.27 5.37 -26.00
CA HIS A 236 6.64 5.10 -25.53
C HIS A 236 6.70 3.97 -24.52
N ILE A 237 5.54 3.52 -24.05
CA ILE A 237 5.45 2.37 -23.15
C ILE A 237 5.57 1.08 -23.96
N ASN A 238 6.48 0.21 -23.55
CA ASN A 238 6.74 -1.03 -24.29
C ASN A 238 5.53 -1.94 -24.32
N PRO A 239 5.29 -2.59 -25.46
CA PRO A 239 4.04 -3.35 -25.66
C PRO A 239 3.76 -4.38 -24.56
N VAL A 240 4.79 -5.12 -24.12
CA VAL A 240 4.63 -6.14 -23.08
C VAL A 240 4.14 -5.53 -21.77
N ALA A 241 4.70 -4.38 -21.40
CA ALA A 241 4.21 -3.65 -20.24
C ALA A 241 2.76 -3.21 -20.45
N ALA A 242 2.51 -2.54 -21.57
CA ALA A 242 1.19 -1.97 -21.88
C ALA A 242 0.11 -3.04 -21.97
N SER A 243 0.50 -4.22 -22.41
CA SER A 243 -0.39 -5.37 -22.45
C SER A 243 -0.84 -5.74 -21.03
N LEU A 244 0.09 -5.74 -20.08
CA LEU A 244 -0.22 -6.20 -18.72
C LEU A 244 -1.09 -5.18 -18.01
N ILE A 245 -0.80 -3.90 -18.20
CA ILE A 245 -1.69 -2.85 -17.69
C ILE A 245 -3.10 -3.07 -18.24
N GLN A 246 -3.22 -3.30 -19.55
CA GLN A 246 -4.52 -3.47 -20.18
C GLN A 246 -5.27 -4.66 -19.62
N LYS A 247 -4.54 -5.73 -19.29
CA LYS A 247 -5.14 -6.90 -18.67
C LYS A 247 -5.69 -6.58 -17.30
N MET A 248 -4.91 -5.82 -16.52
CA MET A 248 -5.29 -5.52 -15.15
C MET A 248 -6.37 -4.44 -15.05
N LEU A 249 -6.42 -3.54 -16.03
CA LEU A 249 -7.36 -2.44 -16.00
C LEU A 249 -8.52 -2.72 -16.95
N GLN A 250 -9.20 -3.84 -16.70
CA GLN A 250 -10.41 -4.16 -17.43
C GLN A 250 -11.56 -3.87 -16.51
N THR A 251 -12.62 -3.27 -17.05
CA THR A 251 -13.78 -2.93 -16.24
C THR A 251 -14.38 -4.19 -15.61
N ASP A 252 -14.48 -5.26 -16.39
CA ASP A 252 -14.93 -6.56 -15.89
C ASP A 252 -13.95 -7.11 -14.86
N PRO A 253 -14.39 -7.32 -13.61
CA PRO A 253 -13.52 -7.96 -12.60
C PRO A 253 -13.04 -9.35 -13.01
N THR A 254 -13.94 -10.16 -13.57
CA THR A 254 -13.63 -11.55 -13.88
C THR A 254 -12.57 -11.68 -14.96
N ALA A 255 -12.48 -10.66 -15.81
CA ALA A 255 -11.53 -10.64 -16.93
C ALA A 255 -10.09 -10.27 -16.55
N ARG A 256 -9.83 -9.89 -15.31
CA ARG A 256 -8.47 -9.54 -14.90
C ARG A 256 -7.68 -10.77 -14.44
N PRO A 257 -6.35 -10.71 -14.50
CA PRO A 257 -5.53 -11.76 -13.87
C PRO A 257 -5.77 -11.88 -12.36
N THR A 258 -5.54 -13.07 -11.82
CA THR A 258 -5.53 -13.24 -10.37
C THR A 258 -4.15 -12.85 -9.92
N ILE A 259 -4.02 -12.65 -8.61
CA ILE A 259 -2.76 -12.24 -8.06
C ILE A 259 -1.64 -13.28 -8.29
N ASN A 260 -2.01 -14.56 -8.37
CA ASN A 260 -1.02 -15.63 -8.58
C ASN A 260 -0.65 -15.85 -10.05
N GLU A 261 -1.27 -15.11 -10.97
CA GLU A 261 -0.96 -15.20 -12.40
C GLU A 261 0.13 -14.21 -12.81
N LEU A 262 0.27 -13.14 -12.03
CA LEU A 262 0.96 -11.94 -12.46
C LEU A 262 2.45 -12.11 -12.71
N LEU A 263 3.14 -12.82 -11.82
CA LEU A 263 4.60 -12.93 -11.93
C LEU A 263 5.02 -13.86 -13.06
N ASN A 264 4.07 -14.67 -13.52
CA ASN A 264 4.27 -15.49 -14.69
C ASN A 264 3.98 -14.74 -15.98
N ASP A 265 3.57 -13.48 -15.88
CA ASP A 265 3.36 -12.65 -17.05
C ASP A 265 4.68 -12.31 -17.73
N GLU A 266 4.64 -12.23 -19.06
CA GLU A 266 5.81 -11.94 -19.86
C GLU A 266 6.60 -10.73 -19.35
N PHE A 267 5.87 -9.72 -18.86
CA PHE A 267 6.48 -8.53 -18.29
C PHE A 267 7.57 -8.85 -17.25
N PHE A 268 7.33 -9.85 -16.41
CA PHE A 268 8.32 -10.23 -15.41
C PHE A 268 9.34 -11.23 -15.95
N THR A 269 8.85 -12.26 -16.62
CA THR A 269 9.65 -13.41 -17.03
C THR A 269 10.65 -13.14 -18.15
N SER A 270 10.30 -12.29 -19.10
CA SER A 270 11.21 -11.99 -20.18
C SER A 270 11.82 -10.60 -20.07
N GLY A 271 11.94 -10.07 -18.87
CA GLY A 271 12.59 -8.76 -18.64
C GLY A 271 13.55 -8.80 -17.45
N TYR A 272 14.48 -7.84 -17.40
CA TYR A 272 15.44 -7.75 -16.29
C TYR A 272 14.81 -7.25 -14.99
N ILE A 273 14.93 -8.06 -13.95
CA ILE A 273 14.48 -7.69 -12.62
C ILE A 273 15.70 -7.58 -11.72
N PRO A 274 16.08 -6.36 -11.34
CA PRO A 274 17.20 -6.28 -10.42
C PRO A 274 16.94 -7.06 -9.16
N ALA A 275 17.99 -7.71 -8.66
CA ALA A 275 18.00 -8.36 -7.36
C ALA A 275 17.80 -7.35 -6.23
N ARG A 276 18.23 -6.13 -6.47
CA ARG A 276 18.18 -5.06 -5.48
C ARG A 276 18.45 -3.74 -6.16
N LEU A 277 18.04 -2.65 -5.54
CA LEU A 277 18.31 -1.33 -6.09
C LEU A 277 19.30 -0.61 -5.19
N PRO A 278 20.17 0.23 -5.79
CA PRO A 278 20.99 1.15 -4.97
C PRO A 278 20.22 2.36 -4.47
N ILE A 279 20.64 2.93 -3.34
CA ILE A 279 19.94 4.07 -2.71
C ILE A 279 19.88 5.32 -3.59
N THR A 280 20.81 5.43 -4.52
CA THR A 280 20.77 6.47 -5.53
C THR A 280 19.48 6.41 -6.33
N CYS A 281 18.86 5.22 -6.40
CA CYS A 281 17.61 5.03 -7.14
C CYS A 281 16.47 5.89 -6.60
N LEU A 282 16.60 6.36 -5.36
CA LEU A 282 15.69 7.38 -4.84
C LEU A 282 15.77 8.71 -5.60
N THR A 283 16.96 9.04 -6.08
CA THR A 283 17.23 10.34 -6.73
C THR A 283 17.49 10.23 -8.23
N ILE A 284 18.37 9.32 -8.62
CA ILE A 284 18.91 9.25 -9.97
C ILE A 284 18.43 7.98 -10.69
N PRO A 285 17.99 8.11 -11.95
CA PRO A 285 17.65 6.89 -12.68
C PRO A 285 18.86 5.96 -12.83
N PRO A 286 18.71 4.69 -12.42
CA PRO A 286 19.78 3.72 -12.61
C PRO A 286 19.87 3.25 -14.07
N ARG A 287 21.09 3.02 -14.56
CA ARG A 287 21.29 2.53 -15.92
C ARG A 287 21.52 1.02 -15.96
N PHE A 288 21.84 0.44 -14.80
CA PHE A 288 22.09 -1.00 -14.69
C PHE A 288 23.23 -1.44 -15.60
N SER A 289 24.39 -0.84 -15.38
CA SER A 289 25.60 -1.19 -16.12
C SER A 289 26.07 -2.58 -15.77
N ILE A 290 26.76 -3.20 -16.72
CA ILE A 290 27.29 -4.53 -16.52
C ILE A 290 28.61 -4.50 -15.75
N ALA A 291 29.33 -3.37 -15.76
CA ALA A 291 30.50 -3.20 -14.90
C ALA A 291 30.83 -1.72 -14.70
N PRO A 292 31.48 -1.37 -13.57
CA PRO A 292 31.87 0.04 -13.34
C PRO A 292 33.03 0.49 -14.24
N SER A 293 33.43 1.76 -14.11
CA SER A 293 34.53 2.32 -14.89
C SER A 293 35.57 2.96 -13.98
#